data_1H57
#
_entry.id   1H57
#
_cell.length_a   40.340
_cell.length_b   67.227
_cell.length_c   117.552
_cell.angle_alpha   90.00
_cell.angle_beta   90.00
_cell.angle_gamma   90.00
#
_symmetry.space_group_name_H-M   'P 21 21 21'
#
loop_
_entity.id
_entity.type
_entity.pdbx_description
1 polymer 'PEROXIDASE C1A'
2 non-polymer 'PROTOPORPHYRIN IX CONTAINING FE'
3 non-polymer 'ACETATE ION'
4 non-polymer 'CALCIUM ION'
5 non-polymer 'OXYGEN MOLECULE'
6 non-polymer 'HYDROGEN PEROXIDE'
7 water water
#
_entity_poly.entity_id   1
_entity_poly.type   'polypeptide(L)'
_entity_poly.pdbx_seq_one_letter_code
;QLTPTFYDNSCPNVSNIVRDTIVNELRSDPRIAASILRLHFHDCFVNGCDASILLDNTTSFRTEKDAFGNANSARGFPVI
DRMKAAVESACPRTVSCADLLTIAAQQSVTLAGGPSWRVPLGRRDSLQAFLDLANANLPAPFFTLPQLKDSFRNVGLNRS
SDLVALSGGHTFGKNQCRFIMDRLYNFSNTGLPDPTLNTTYLQTLRGLCPLNGNLSALVDFDLRTPTIFDNKYYVNLEEQ
KGLIQSDQELFSSPNATDTIPLVRSFANSTQTFFNAFVEAMDRMGNITPLTGTQGQIRLNCRVVNSNS
;
_entity_poly.pdbx_strand_id   A
#
# COMPACT_ATOMS: atom_id res chain seq x y z
N GLN A 1 2.60 3.89 24.03
CA GLN A 1 3.48 3.83 22.83
C GLN A 1 3.50 2.41 22.27
N LEU A 2 3.56 2.29 20.95
CA LEU A 2 3.61 0.98 20.32
C LEU A 2 4.98 0.34 20.54
N THR A 3 5.00 -0.98 20.65
CA THR A 3 6.25 -1.71 20.88
C THR A 3 6.25 -3.04 20.15
N PRO A 4 7.40 -3.41 19.55
CA PRO A 4 7.53 -4.68 18.82
C PRO A 4 7.29 -5.94 19.64
N THR A 5 7.47 -5.85 20.95
CA THR A 5 7.30 -7.00 21.83
C THR A 5 5.91 -7.16 22.45
N PHE A 6 4.95 -6.36 22.00
CA PHE A 6 3.61 -6.38 22.56
C PHE A 6 2.98 -7.77 22.76
N TYR A 7 3.19 -8.69 21.83
CA TYR A 7 2.61 -10.03 21.95
C TYR A 7 3.60 -11.13 22.30
N ASP A 8 4.81 -10.77 22.69
CA ASP A 8 5.82 -11.78 23.01
C ASP A 8 5.42 -12.73 24.15
N ASN A 9 4.48 -12.31 24.98
CA ASN A 9 4.01 -13.14 26.08
C ASN A 9 2.62 -13.73 25.79
N SER A 10 1.72 -12.88 25.29
CA SER A 10 0.34 -13.31 25.02
C SER A 10 0.13 -14.13 23.73
N CYS A 11 0.98 -13.93 22.74
CA CYS A 11 0.86 -14.65 21.47
C CYS A 11 2.18 -14.61 20.73
N PRO A 12 3.22 -15.28 21.27
CA PRO A 12 4.54 -15.31 20.64
C PRO A 12 4.59 -15.83 19.21
N ASN A 13 3.64 -16.69 18.85
CA ASN A 13 3.61 -17.27 17.51
C ASN A 13 2.75 -16.53 16.48
N VAL A 14 2.28 -15.34 16.81
CA VAL A 14 1.43 -14.61 15.87
C VAL A 14 2.06 -14.34 14.50
N SER A 15 3.30 -13.86 14.49
N SER A 15 3.30 -13.86 14.49
CA SER A 15 3.98 -13.57 13.23
CA SER A 15 3.99 -13.58 13.25
C SER A 15 4.17 -14.83 12.38
C SER A 15 4.17 -14.82 12.39
N ASN A 16 4.41 -15.96 13.04
CA ASN A 16 4.59 -17.22 12.33
C ASN A 16 3.29 -17.69 11.71
N ILE A 17 2.18 -17.50 12.42
CA ILE A 17 0.87 -17.91 11.91
C ILE A 17 0.53 -17.05 10.71
N VAL A 18 0.84 -15.76 10.80
CA VAL A 18 0.57 -14.83 9.71
C VAL A 18 1.40 -15.22 8.50
N ARG A 19 2.68 -15.48 8.72
CA ARG A 19 3.57 -15.86 7.63
C ARG A 19 3.07 -17.14 6.95
N ASP A 20 2.75 -18.15 7.75
CA ASP A 20 2.27 -19.41 7.20
C ASP A 20 1.03 -19.23 6.33
N THR A 21 0.12 -18.35 6.75
CA THR A 21 -1.09 -18.11 5.98
C THR A 21 -0.75 -17.52 4.61
N ILE A 22 0.15 -16.54 4.61
CA ILE A 22 0.54 -15.89 3.35
C ILE A 22 1.30 -16.83 2.43
N VAL A 23 2.18 -17.64 2.99
CA VAL A 23 2.95 -18.59 2.20
C VAL A 23 2.00 -19.53 1.46
N ASN A 24 1.00 -20.01 2.16
CA ASN A 24 0.01 -20.91 1.58
C ASN A 24 -0.82 -20.25 0.49
N GLU A 25 -1.25 -19.02 0.72
CA GLU A 25 -2.07 -18.30 -0.26
C GLU A 25 -1.29 -17.94 -1.52
N LEU A 26 0.01 -17.64 -1.35
CA LEU A 26 0.86 -17.27 -2.47
C LEU A 26 0.96 -18.36 -3.53
N ARG A 27 0.74 -19.61 -3.14
CA ARG A 27 0.82 -20.71 -4.09
C ARG A 27 -0.32 -20.67 -5.11
N SER A 28 -1.46 -20.13 -4.72
CA SER A 28 -2.60 -20.05 -5.63
C SER A 28 -2.82 -18.62 -6.13
N ASP A 29 -2.31 -17.64 -5.39
CA ASP A 29 -2.45 -16.24 -5.76
C ASP A 29 -1.12 -15.52 -5.50
N PRO A 30 -0.26 -15.42 -6.53
CA PRO A 30 1.04 -14.75 -6.42
C PRO A 30 0.98 -13.25 -6.20
N ARG A 31 -0.22 -12.69 -6.27
CA ARG A 31 -0.43 -11.25 -6.10
C ARG A 31 -0.82 -10.85 -4.68
N ILE A 32 -1.14 -11.84 -3.84
CA ILE A 32 -1.59 -11.58 -2.48
C ILE A 32 -0.66 -10.78 -1.56
N ALA A 33 0.66 -10.94 -1.72
CA ALA A 33 1.59 -10.20 -0.89
C ALA A 33 1.44 -8.71 -1.16
N ALA A 34 1.38 -8.37 -2.44
CA ALA A 34 1.21 -6.98 -2.85
C ALA A 34 -0.14 -6.46 -2.35
N SER A 35 -1.19 -7.24 -2.54
CA SER A 35 -2.52 -6.85 -2.12
C SER A 35 -2.60 -6.55 -0.63
N ILE A 36 -1.96 -7.37 0.18
CA ILE A 36 -2.00 -7.19 1.63
C ILE A 36 -1.25 -5.93 2.07
N LEU A 37 -0.11 -5.65 1.44
CA LEU A 37 0.64 -4.46 1.80
C LEU A 37 -0.22 -3.24 1.52
N ARG A 38 -0.93 -3.27 0.40
CA ARG A 38 -1.79 -2.16 0.02
C ARG A 38 -2.95 -1.97 0.98
N LEU A 39 -3.48 -3.06 1.53
CA LEU A 39 -4.59 -2.95 2.47
C LEU A 39 -4.14 -2.20 3.73
N HIS A 40 -2.92 -2.48 4.17
CA HIS A 40 -2.36 -1.82 5.35
C HIS A 40 -2.20 -0.32 5.07
N PHE A 41 -1.71 0.00 3.88
CA PHE A 41 -1.53 1.39 3.46
C PHE A 41 -2.89 2.10 3.51
N HIS A 42 -3.90 1.50 2.87
CA HIS A 42 -5.22 2.11 2.86
C HIS A 42 -5.89 2.11 4.23
N ASP A 43 -5.39 1.29 5.15
CA ASP A 43 -5.98 1.29 6.49
C ASP A 43 -5.40 2.52 7.20
N CYS A 44 -4.08 2.61 7.20
CA CYS A 44 -3.39 3.70 7.87
C CYS A 44 -3.71 5.12 7.42
N PHE A 45 -4.02 5.30 6.14
CA PHE A 45 -4.32 6.64 5.62
C PHE A 45 -5.75 7.12 5.91
N VAL A 46 -6.53 6.31 6.62
CA VAL A 46 -7.90 6.70 6.98
C VAL A 46 -8.12 6.45 8.46
N ASN A 47 -8.04 7.54 9.24
CA ASN A 47 -8.17 7.52 10.70
C ASN A 47 -7.10 6.68 11.38
N GLY A 48 -6.00 6.44 10.66
CA GLY A 48 -4.91 5.66 11.22
C GLY A 48 -5.07 4.18 11.00
N CYS A 49 -4.05 3.42 11.39
CA CYS A 49 -4.09 1.97 11.23
C CYS A 49 -4.93 1.38 12.36
N ASP A 50 -6.24 1.35 12.14
CA ASP A 50 -7.21 0.89 13.13
C ASP A 50 -8.14 -0.20 12.57
N ALA A 51 -7.73 -0.81 11.47
CA ALA A 51 -8.51 -1.86 10.82
C ALA A 51 -9.89 -1.37 10.40
N SER A 52 -10.06 -0.06 10.26
CA SER A 52 -11.37 0.48 9.85
C SER A 52 -11.74 0.00 8.46
N ILE A 53 -10.74 -0.19 7.60
CA ILE A 53 -10.96 -0.63 6.23
C ILE A 53 -11.54 -2.05 6.14
N LEU A 54 -11.35 -2.85 7.19
CA LEU A 54 -11.85 -4.23 7.18
C LEU A 54 -13.33 -4.35 7.48
N LEU A 55 -13.93 -3.30 8.05
CA LEU A 55 -15.35 -3.36 8.40
C LEU A 55 -16.28 -3.37 7.20
N ASP A 56 -17.33 -4.19 7.28
CA ASP A 56 -18.32 -4.26 6.21
C ASP A 56 -19.44 -3.26 6.52
N ASN A 57 -20.35 -3.07 5.56
CA ASN A 57 -21.48 -2.15 5.70
C ASN A 57 -22.40 -2.44 6.89
N THR A 58 -22.98 -1.37 7.44
CA THR A 58 -23.97 -1.47 8.51
C THR A 58 -24.98 -0.40 8.15
N THR A 59 -26.15 -0.41 8.78
CA THR A 59 -27.15 0.61 8.44
C THR A 59 -26.79 1.99 8.96
N SER A 60 -25.81 2.06 9.85
CA SER A 60 -25.40 3.35 10.43
C SER A 60 -24.17 3.98 9.76
N PHE A 61 -23.29 3.16 9.17
CA PHE A 61 -22.12 3.69 8.49
C PHE A 61 -21.74 2.85 7.27
N ARG A 62 -21.25 3.51 6.23
CA ARG A 62 -20.85 2.82 5.00
C ARG A 62 -19.45 2.25 5.10
N THR A 63 -19.20 1.18 4.36
CA THR A 63 -17.88 0.55 4.36
C THR A 63 -16.90 1.32 3.49
N GLU A 64 -15.64 1.36 3.91
CA GLU A 64 -14.60 2.04 3.15
C GLU A 64 -14.30 1.24 1.88
N LYS A 65 -14.82 0.02 1.81
CA LYS A 65 -14.59 -0.83 0.65
C LYS A 65 -15.23 -0.25 -0.60
N ASP A 66 -16.15 0.70 -0.41
CA ASP A 66 -16.82 1.35 -1.54
C ASP A 66 -16.23 2.71 -1.88
N ALA A 67 -15.05 3.00 -1.34
CA ALA A 67 -14.37 4.27 -1.60
C ALA A 67 -13.78 4.19 -3.00
N PHE A 68 -13.58 5.34 -3.63
CA PHE A 68 -13.04 5.36 -4.98
C PHE A 68 -11.68 4.68 -5.07
N GLY A 69 -10.91 4.72 -3.99
CA GLY A 69 -9.61 4.11 -4.00
C GLY A 69 -9.60 2.63 -3.63
N ASN A 70 -10.74 2.13 -3.14
CA ASN A 70 -10.84 0.72 -2.76
C ASN A 70 -11.76 -0.12 -3.63
N ALA A 71 -12.88 0.45 -4.06
CA ALA A 71 -13.85 -0.27 -4.88
C ALA A 71 -13.25 -0.89 -6.13
N ASN A 72 -13.54 -2.18 -6.32
CA ASN A 72 -13.05 -2.91 -7.49
C ASN A 72 -11.54 -2.75 -7.62
N SER A 73 -10.85 -2.78 -6.49
CA SER A 73 -9.40 -2.61 -6.46
C SER A 73 -8.78 -3.31 -5.25
N ALA A 74 -9.18 -2.89 -4.06
CA ALA A 74 -8.66 -3.51 -2.84
C ALA A 74 -9.09 -4.98 -2.81
N ARG A 75 -8.18 -5.84 -2.36
CA ARG A 75 -8.48 -7.27 -2.32
C ARG A 75 -7.69 -7.99 -1.22
N GLY A 76 -8.04 -9.25 -1.00
CA GLY A 76 -7.36 -10.04 0.01
C GLY A 76 -8.11 -10.15 1.33
N PHE A 77 -9.30 -9.56 1.42
CA PHE A 77 -10.06 -9.60 2.66
C PHE A 77 -10.31 -10.99 3.24
N PRO A 78 -10.62 -11.99 2.40
CA PRO A 78 -10.87 -13.34 2.93
C PRO A 78 -9.59 -13.95 3.52
N VAL A 79 -8.44 -13.57 2.98
CA VAL A 79 -7.17 -14.08 3.47
C VAL A 79 -6.91 -13.52 4.86
N ILE A 80 -7.31 -12.28 5.09
CA ILE A 80 -7.14 -11.66 6.40
C ILE A 80 -8.06 -12.41 7.38
N ASP A 81 -9.26 -12.76 6.92
CA ASP A 81 -10.20 -13.49 7.77
C ASP A 81 -9.60 -14.83 8.17
N ARG A 82 -8.93 -15.47 7.23
CA ARG A 82 -8.32 -16.77 7.47
C ARG A 82 -7.23 -16.69 8.54
N MET A 83 -6.31 -15.74 8.42
CA MET A 83 -5.25 -15.63 9.41
C MET A 83 -5.81 -15.18 10.76
N LYS A 84 -6.83 -14.34 10.74
CA LYS A 84 -7.43 -13.87 11.99
C LYS A 84 -8.01 -15.06 12.76
N ALA A 85 -8.74 -15.93 12.05
CA ALA A 85 -9.35 -17.10 12.66
C ALA A 85 -8.27 -18.02 13.25
N ALA A 86 -7.17 -18.16 12.54
CA ALA A 86 -6.07 -19.01 12.98
C ALA A 86 -5.42 -18.43 14.23
N VAL A 87 -5.25 -17.11 14.26
CA VAL A 87 -4.64 -16.46 15.41
C VAL A 87 -5.60 -16.50 16.59
N GLU A 88 -6.91 -16.38 16.32
CA GLU A 88 -7.90 -16.43 17.38
C GLU A 88 -7.90 -17.83 18.01
N SER A 89 -7.62 -18.84 17.20
CA SER A 89 -7.58 -20.21 17.68
C SER A 89 -6.36 -20.40 18.58
N ALA A 90 -5.23 -19.85 18.14
CA ALA A 90 -3.97 -19.97 18.89
C ALA A 90 -3.96 -19.08 20.13
N CYS A 91 -4.50 -17.88 19.99
N CYS A 91 -4.49 -17.88 20.01
CA CYS A 91 -4.55 -16.91 21.09
CA CYS A 91 -4.53 -16.98 21.15
C CYS A 91 -5.85 -16.13 21.09
C CYS A 91 -5.80 -16.14 21.16
N PRO A 92 -6.90 -16.70 21.71
CA PRO A 92 -8.22 -16.07 21.80
C PRO A 92 -8.26 -14.62 22.31
N ARG A 93 -9.01 -13.78 21.60
CA ARG A 93 -9.21 -12.38 21.96
C ARG A 93 -7.94 -11.63 22.36
N THR A 94 -6.87 -11.82 21.61
CA THR A 94 -5.59 -11.18 21.94
C THR A 94 -5.04 -10.19 20.91
N VAL A 95 -4.95 -10.64 19.66
CA VAL A 95 -4.39 -9.82 18.60
C VAL A 95 -5.46 -9.02 17.85
N SER A 96 -5.30 -7.70 17.84
CA SER A 96 -6.26 -6.83 17.15
C SER A 96 -6.14 -7.00 15.64
N CYS A 97 -7.20 -6.67 14.91
CA CYS A 97 -7.16 -6.77 13.46
C CYS A 97 -6.17 -5.75 12.91
N ALA A 98 -6.08 -4.59 13.57
CA ALA A 98 -5.17 -3.53 13.16
C ALA A 98 -3.72 -4.01 13.21
N ASP A 99 -3.36 -4.69 14.28
CA ASP A 99 -2.01 -5.23 14.44
C ASP A 99 -1.80 -6.39 13.48
N LEU A 100 -2.82 -7.24 13.34
CA LEU A 100 -2.73 -8.38 12.45
C LEU A 100 -2.39 -7.93 11.03
N LEU A 101 -3.10 -6.91 10.55
CA LEU A 101 -2.88 -6.40 9.20
C LEU A 101 -1.49 -5.77 9.06
N THR A 102 -0.98 -5.19 10.14
CA THR A 102 0.34 -4.56 10.11
C THR A 102 1.39 -5.65 9.97
N ILE A 103 1.26 -6.72 10.75
CA ILE A 103 2.21 -7.83 10.68
C ILE A 103 2.12 -8.49 9.31
N ALA A 104 0.90 -8.63 8.80
CA ALA A 104 0.70 -9.24 7.49
C ALA A 104 1.40 -8.44 6.40
N ALA A 105 1.37 -7.12 6.52
CA ALA A 105 2.02 -6.25 5.54
C ALA A 105 3.53 -6.46 5.58
N GLN A 106 4.10 -6.47 6.78
CA GLN A 106 5.54 -6.66 6.92
C GLN A 106 5.96 -8.04 6.41
N GLN A 107 5.22 -9.07 6.80
CA GLN A 107 5.54 -10.42 6.36
C GLN A 107 5.42 -10.54 4.85
N SER A 108 4.43 -9.86 4.28
CA SER A 108 4.24 -9.88 2.83
C SER A 108 5.46 -9.31 2.13
N VAL A 109 5.95 -8.18 2.64
CA VAL A 109 7.13 -7.54 2.06
C VAL A 109 8.34 -8.48 2.15
N THR A 110 8.53 -9.08 3.32
CA THR A 110 9.65 -9.99 3.52
C THR A 110 9.57 -11.22 2.62
N LEU A 111 8.38 -11.82 2.53
CA LEU A 111 8.18 -13.00 1.70
C LEU A 111 8.47 -12.71 0.23
N ALA A 112 8.25 -11.47 -0.19
CA ALA A 112 8.48 -11.07 -1.59
C ALA A 112 9.95 -10.71 -1.83
N GLY A 113 10.79 -10.90 -0.82
CA GLY A 113 12.21 -10.61 -0.97
C GLY A 113 12.67 -9.30 -0.35
N GLY A 114 11.76 -8.61 0.32
CA GLY A 114 12.11 -7.33 0.93
C GLY A 114 12.77 -7.45 2.29
N PRO A 115 12.97 -6.32 3.00
CA PRO A 115 13.60 -6.36 4.32
C PRO A 115 12.76 -7.06 5.36
N SER A 116 13.42 -7.52 6.41
CA SER A 116 12.76 -8.21 7.51
C SER A 116 12.95 -7.38 8.77
N TRP A 117 11.86 -7.13 9.49
CA TRP A 117 11.94 -6.35 10.73
C TRP A 117 10.71 -6.62 11.57
N ARG A 118 10.77 -6.26 12.86
CA ARG A 118 9.65 -6.45 13.76
C ARG A 118 8.92 -5.13 13.88
N VAL A 119 7.66 -5.12 13.47
CA VAL A 119 6.86 -3.91 13.53
C VAL A 119 6.35 -3.59 14.92
N PRO A 120 6.21 -2.29 15.24
CA PRO A 120 5.71 -1.88 16.55
C PRO A 120 4.28 -2.41 16.64
N LEU A 121 3.87 -2.85 17.83
CA LEU A 121 2.53 -3.39 18.00
C LEU A 121 1.81 -2.78 19.20
N GLY A 122 0.51 -3.07 19.31
CA GLY A 122 -0.29 -2.54 20.39
C GLY A 122 -1.48 -1.74 19.92
N ARG A 123 -1.71 -1.73 18.61
CA ARG A 123 -2.85 -1.00 18.04
C ARG A 123 -4.15 -1.71 18.36
N ARG A 124 -5.23 -0.95 18.42
CA ARG A 124 -6.54 -1.54 18.69
C ARG A 124 -7.50 -1.20 17.55
N ASP A 125 -8.62 -1.90 17.51
CA ASP A 125 -9.60 -1.75 16.43
C ASP A 125 -10.67 -0.69 16.58
N SER A 126 -10.96 -0.02 15.45
CA SER A 126 -11.95 1.03 15.39
C SER A 126 -13.37 0.54 15.67
N LEU A 127 -14.22 1.49 16.04
CA LEU A 127 -15.62 1.19 16.36
C LEU A 127 -16.53 1.62 15.22
N GLN A 128 -15.93 2.04 14.10
CA GLN A 128 -16.69 2.49 12.94
C GLN A 128 -15.75 2.56 11.72
N ALA A 129 -16.35 2.72 10.54
CA ALA A 129 -15.59 2.83 9.30
C ALA A 129 -15.78 4.25 8.78
N PHE A 130 -14.88 4.71 7.94
CA PHE A 130 -14.94 6.08 7.44
C PHE A 130 -14.87 6.21 5.92
N LEU A 131 -16.01 6.02 5.25
CA LEU A 131 -16.05 6.11 3.80
C LEU A 131 -15.70 7.49 3.25
N ASP A 132 -16.33 8.54 3.79
CA ASP A 132 -16.03 9.88 3.30
C ASP A 132 -14.57 10.24 3.50
N LEU A 133 -14.02 9.86 4.65
CA LEU A 133 -12.63 10.17 4.94
C LEU A 133 -11.73 9.41 3.96
N ALA A 134 -12.11 8.19 3.60
CA ALA A 134 -11.32 7.40 2.67
C ALA A 134 -11.32 8.07 1.29
N ASN A 135 -12.47 8.60 0.88
CA ASN A 135 -12.54 9.26 -0.42
C ASN A 135 -11.70 10.53 -0.44
N ALA A 136 -11.58 11.17 0.72
CA ALA A 136 -10.81 12.40 0.81
C ALA A 136 -9.32 12.18 1.03
N ASN A 137 -8.98 11.17 1.81
CA ASN A 137 -7.59 10.90 2.15
C ASN A 137 -6.73 9.98 1.28
N LEU A 138 -7.34 9.04 0.56
CA LEU A 138 -6.52 8.15 -0.27
C LEU A 138 -6.07 8.87 -1.53
N PRO A 139 -4.75 8.89 -1.79
CA PRO A 139 -4.26 9.57 -2.99
C PRO A 139 -4.65 8.82 -4.26
N ALA A 140 -4.73 9.55 -5.36
CA ALA A 140 -5.11 8.97 -6.65
C ALA A 140 -3.93 9.02 -7.62
N PRO A 141 -3.90 8.10 -8.59
CA PRO A 141 -2.80 8.04 -9.57
C PRO A 141 -2.63 9.29 -10.42
N PHE A 142 -3.68 10.10 -10.53
CA PHE A 142 -3.62 11.31 -11.34
C PHE A 142 -3.19 12.56 -10.54
N PHE A 143 -2.82 12.36 -9.28
CA PHE A 143 -2.37 13.47 -8.44
C PHE A 143 -1.04 14.04 -8.93
N THR A 144 -0.87 15.35 -8.79
CA THR A 144 0.40 15.99 -9.16
C THR A 144 1.31 15.77 -7.95
N LEU A 145 2.59 16.08 -8.07
CA LEU A 145 3.49 15.87 -6.93
C LEU A 145 3.03 16.70 -5.73
N PRO A 146 2.67 17.98 -5.95
CA PRO A 146 2.21 18.78 -4.81
C PRO A 146 1.01 18.14 -4.12
N GLN A 147 0.12 17.54 -4.92
CA GLN A 147 -1.06 16.89 -4.36
C GLN A 147 -0.67 15.62 -3.60
N LEU A 148 0.32 14.88 -4.09
CA LEU A 148 0.78 13.68 -3.41
C LEU A 148 1.36 14.08 -2.06
N LYS A 149 2.18 15.13 -2.06
CA LYS A 149 2.79 15.61 -0.83
C LYS A 149 1.71 16.06 0.14
N ASP A 150 0.69 16.75 -0.38
CA ASP A 150 -0.42 17.21 0.45
C ASP A 150 -1.13 16.03 1.11
N SER A 151 -1.37 14.97 0.34
N SER A 151 -1.37 14.97 0.34
CA SER A 151 -2.07 13.80 0.85
CA SER A 151 -2.07 13.80 0.87
C SER A 151 -1.30 13.13 2.00
C SER A 151 -1.30 13.13 2.00
N PHE A 152 0.01 13.00 1.86
CA PHE A 152 0.82 12.38 2.89
C PHE A 152 0.88 13.27 4.13
N ARG A 153 1.10 14.57 3.94
CA ARG A 153 1.16 15.51 5.05
C ARG A 153 -0.16 15.53 5.82
N ASN A 154 -1.26 15.42 5.09
CA ASN A 154 -2.59 15.42 5.69
C ASN A 154 -2.78 14.34 6.75
N VAL A 155 -2.16 13.18 6.54
CA VAL A 155 -2.30 12.10 7.50
C VAL A 155 -1.17 12.05 8.53
N GLY A 156 -0.18 12.93 8.37
CA GLY A 156 0.91 12.97 9.34
C GLY A 156 2.31 12.65 8.84
N LEU A 157 2.47 12.34 7.56
CA LEU A 157 3.80 12.04 7.02
C LEU A 157 4.32 13.25 6.26
N ASN A 158 5.11 14.08 6.95
CA ASN A 158 5.67 15.30 6.36
C ASN A 158 6.87 15.15 5.44
N ARG A 159 7.62 14.07 5.63
CA ARG A 159 8.86 13.88 4.90
C ARG A 159 8.77 13.36 3.48
N SER A 160 9.57 13.97 2.61
CA SER A 160 9.58 13.53 1.22
C SER A 160 10.11 12.11 1.17
N SER A 161 10.93 11.73 2.14
N SER A 161 10.92 11.73 2.15
CA SER A 161 11.46 10.38 2.17
CA SER A 161 11.45 10.37 2.20
C SER A 161 10.30 9.41 2.43
C SER A 161 10.30 9.41 2.43
N ASP A 162 9.31 9.85 3.20
CA ASP A 162 8.14 9.01 3.49
C ASP A 162 7.46 8.69 2.16
N LEU A 163 7.20 9.74 1.39
CA LEU A 163 6.54 9.61 0.10
C LEU A 163 7.32 8.79 -0.91
N VAL A 164 8.61 9.08 -1.06
CA VAL A 164 9.43 8.36 -2.01
C VAL A 164 9.65 6.89 -1.62
N ALA A 165 9.92 6.64 -0.35
CA ALA A 165 10.16 5.26 0.09
C ALA A 165 8.90 4.40 0.04
N LEU A 166 7.79 4.91 0.55
CA LEU A 166 6.55 4.15 0.56
C LEU A 166 6.02 3.91 -0.84
N SER A 167 6.31 4.82 -1.78
CA SER A 167 5.86 4.65 -3.16
C SER A 167 6.55 3.41 -3.73
N GLY A 168 7.64 3.00 -3.09
CA GLY A 168 8.38 1.82 -3.50
C GLY A 168 7.52 0.57 -3.39
N GLY A 169 6.34 0.72 -2.78
CA GLY A 169 5.44 -0.41 -2.65
C GLY A 169 4.98 -0.84 -4.03
N HIS A 170 5.22 0.02 -5.02
CA HIS A 170 4.85 -0.28 -6.39
C HIS A 170 5.97 -1.05 -7.10
N THR A 171 6.82 -1.69 -6.30
CA THR A 171 7.90 -2.50 -6.89
C THR A 171 7.30 -3.84 -7.28
N PHE A 172 6.04 -4.06 -6.89
CA PHE A 172 5.32 -5.27 -7.27
C PHE A 172 3.82 -4.99 -7.33
N GLY A 173 3.02 -5.98 -7.69
CA GLY A 173 1.58 -5.76 -7.76
C GLY A 173 1.06 -5.37 -9.12
N LYS A 174 -0.26 -5.22 -9.23
CA LYS A 174 -0.93 -4.90 -10.48
C LYS A 174 -1.68 -3.56 -10.48
N ASN A 175 -1.91 -3.05 -11.69
CA ASN A 175 -2.62 -1.79 -11.91
C ASN A 175 -3.53 -1.92 -13.14
N GLN A 176 -4.76 -1.43 -13.02
CA GLN A 176 -5.72 -1.50 -14.12
C GLN A 176 -5.44 -0.48 -15.22
N CYS A 177 -5.69 -0.88 -16.46
CA CYS A 177 -5.50 -0.01 -17.61
C CYS A 177 -6.19 1.33 -17.41
N ARG A 178 -7.34 1.28 -16.77
CA ARG A 178 -8.17 2.45 -16.49
C ARG A 178 -7.34 3.65 -15.98
N PHE A 179 -6.40 3.37 -15.09
CA PHE A 179 -5.60 4.41 -14.46
C PHE A 179 -4.45 5.02 -15.26
N ILE A 180 -4.19 4.51 -16.46
CA ILE A 180 -3.11 5.07 -17.28
C ILE A 180 -3.58 5.48 -18.68
N MET A 181 -4.86 5.28 -18.98
CA MET A 181 -5.38 5.62 -20.30
C MET A 181 -5.08 7.06 -20.72
N ASP A 182 -5.15 7.98 -19.78
CA ASP A 182 -4.88 9.37 -20.10
C ASP A 182 -3.41 9.55 -20.51
N ARG A 183 -2.51 8.92 -19.76
CA ARG A 183 -1.08 9.02 -20.06
C ARG A 183 -0.76 8.45 -21.43
N LEU A 184 -1.51 7.42 -21.83
CA LEU A 184 -1.27 6.78 -23.12
C LEU A 184 -1.84 7.46 -24.35
N TYR A 185 -3.00 8.10 -24.21
CA TYR A 185 -3.63 8.72 -25.38
C TYR A 185 -4.06 10.18 -25.32
N ASN A 186 -4.37 10.67 -24.13
CA ASN A 186 -4.80 12.06 -24.00
C ASN A 186 -4.52 12.54 -22.60
N PHE A 187 -3.31 13.04 -22.39
CA PHE A 187 -2.88 13.51 -21.08
C PHE A 187 -3.22 14.97 -20.85
N SER A 188 -3.91 15.26 -19.75
N SER A 188 -3.92 15.24 -19.76
CA SER A 188 -4.29 16.63 -19.41
CA SER A 188 -4.32 16.60 -19.39
C SER A 188 -4.94 17.36 -20.59
C SER A 188 -4.95 17.35 -20.56
N ASN A 189 -5.86 16.69 -21.27
CA ASN A 189 -6.57 17.28 -22.39
C ASN A 189 -5.67 17.86 -23.49
N THR A 190 -4.47 17.32 -23.61
CA THR A 190 -3.53 17.79 -24.63
C THR A 190 -3.70 17.00 -25.92
N GLY A 191 -4.42 15.89 -25.84
CA GLY A 191 -4.63 15.05 -27.00
C GLY A 191 -3.38 14.26 -27.34
N LEU A 192 -2.41 14.30 -26.43
CA LEU A 192 -1.15 13.60 -26.63
C LEU A 192 -0.78 12.79 -25.38
N PRO A 193 0.12 11.80 -25.53
CA PRO A 193 0.50 11.01 -24.36
C PRO A 193 1.35 11.85 -23.40
N ASP A 194 1.47 11.37 -22.17
CA ASP A 194 2.27 12.05 -21.15
C ASP A 194 3.72 12.04 -21.64
N PRO A 195 4.32 13.22 -21.83
CA PRO A 195 5.70 13.29 -22.30
C PRO A 195 6.75 12.70 -21.36
N THR A 196 6.39 12.48 -20.11
CA THR A 196 7.32 11.92 -19.15
C THR A 196 7.34 10.38 -19.19
N LEU A 197 6.59 9.81 -20.12
CA LEU A 197 6.56 8.36 -20.27
C LEU A 197 7.46 7.96 -21.43
N ASN A 198 8.43 7.10 -21.15
CA ASN A 198 9.37 6.63 -22.16
C ASN A 198 8.58 6.17 -23.39
N THR A 199 8.97 6.66 -24.57
CA THR A 199 8.25 6.32 -25.80
C THR A 199 8.27 4.86 -26.22
N THR A 200 9.30 4.11 -25.81
CA THR A 200 9.37 2.70 -26.14
C THR A 200 8.37 1.96 -25.24
N TYR A 201 8.36 2.34 -23.97
CA TYR A 201 7.46 1.73 -22.99
C TYR A 201 6.02 2.15 -23.31
N LEU A 202 5.86 3.34 -23.87
CA LEU A 202 4.55 3.85 -24.24
C LEU A 202 3.90 2.86 -25.22
N GLN A 203 4.70 2.41 -26.19
CA GLN A 203 4.22 1.47 -27.19
C GLN A 203 3.78 0.17 -26.54
N THR A 204 4.59 -0.32 -25.61
CA THR A 204 4.27 -1.57 -24.92
C THR A 204 2.97 -1.43 -24.14
N LEU A 205 2.82 -0.34 -23.40
CA LEU A 205 1.61 -0.12 -22.61
C LEU A 205 0.38 0.06 -23.49
N ARG A 206 0.53 0.73 -24.62
CA ARG A 206 -0.59 0.93 -25.53
C ARG A 206 -1.05 -0.43 -26.06
N GLY A 207 -0.12 -1.36 -26.17
CA GLY A 207 -0.44 -2.69 -26.65
C GLY A 207 -1.22 -3.47 -25.61
N LEU A 208 -0.92 -3.23 -24.34
CA LEU A 208 -1.61 -3.91 -23.25
C LEU A 208 -2.92 -3.21 -22.93
N CYS A 209 -2.99 -1.92 -23.21
CA CYS A 209 -4.17 -1.12 -22.92
C CYS A 209 -4.60 -0.29 -24.12
N PRO A 210 -5.15 -0.95 -25.15
CA PRO A 210 -5.60 -0.23 -26.34
C PRO A 210 -6.78 0.68 -26.07
N LEU A 211 -6.92 1.74 -26.86
CA LEU A 211 -8.03 2.67 -26.70
C LEU A 211 -9.33 1.88 -26.85
N ASN A 212 -10.31 2.18 -26.00
CA ASN A 212 -11.60 1.51 -26.03
C ASN A 212 -11.48 0.03 -25.68
N GLY A 213 -10.37 -0.34 -25.06
CA GLY A 213 -10.16 -1.73 -24.69
C GLY A 213 -10.68 -2.02 -23.28
N ASN A 214 -10.31 -3.19 -22.76
CA ASN A 214 -10.74 -3.59 -21.42
C ASN A 214 -10.03 -2.74 -20.37
N LEU A 215 -10.75 -1.80 -19.78
CA LEU A 215 -10.16 -0.91 -18.78
C LEU A 215 -9.77 -1.62 -17.48
N SER A 216 -10.35 -2.80 -17.24
CA SER A 216 -10.04 -3.55 -16.03
C SER A 216 -8.85 -4.49 -16.20
N ALA A 217 -8.28 -4.54 -17.40
CA ALA A 217 -7.13 -5.39 -17.66
C ALA A 217 -6.00 -4.96 -16.74
N LEU A 218 -5.22 -5.92 -16.25
CA LEU A 218 -4.14 -5.62 -15.32
C LEU A 218 -2.72 -5.60 -15.90
N VAL A 219 -1.94 -4.62 -15.47
N VAL A 219 -1.94 -4.62 -15.47
CA VAL A 219 -0.56 -4.47 -15.93
CA VAL A 219 -0.56 -4.45 -15.92
C VAL A 219 0.35 -4.39 -14.70
C VAL A 219 0.35 -4.39 -14.69
N ASP A 220 1.58 -4.87 -14.84
CA ASP A 220 2.54 -4.86 -13.74
C ASP A 220 3.09 -3.47 -13.43
N PHE A 221 3.16 -3.13 -12.15
CA PHE A 221 3.71 -1.85 -11.74
C PHE A 221 5.20 -1.75 -12.05
N ASP A 222 5.90 -2.87 -11.91
CA ASP A 222 7.34 -2.92 -12.15
C ASP A 222 7.66 -3.85 -13.31
N LEU A 223 8.04 -3.28 -14.46
CA LEU A 223 8.33 -4.10 -15.62
C LEU A 223 9.60 -4.94 -15.47
N ARG A 224 10.46 -4.58 -14.52
CA ARG A 224 11.69 -5.34 -14.31
C ARG A 224 11.47 -6.61 -13.49
N THR A 225 10.96 -6.45 -12.27
CA THR A 225 10.67 -7.62 -11.43
C THR A 225 9.27 -7.44 -10.84
N PRO A 226 8.24 -7.81 -11.63
CA PRO A 226 6.82 -7.75 -11.30
C PRO A 226 6.33 -8.24 -9.94
N THR A 227 6.99 -9.26 -9.39
CA THR A 227 6.54 -9.80 -8.10
C THR A 227 7.58 -9.80 -6.99
N ILE A 228 8.76 -9.25 -7.27
CA ILE A 228 9.82 -9.21 -6.28
C ILE A 228 9.93 -7.84 -5.64
N PHE A 229 10.03 -7.81 -4.31
CA PHE A 229 10.16 -6.55 -3.61
C PHE A 229 11.62 -6.15 -3.61
N ASP A 230 11.96 -5.20 -4.47
CA ASP A 230 13.32 -4.71 -4.61
C ASP A 230 13.31 -3.25 -5.05
N ASN A 231 14.49 -2.68 -5.31
CA ASN A 231 14.57 -1.27 -5.68
C ASN A 231 14.46 -0.99 -7.17
N LYS A 232 14.08 -1.99 -7.97
CA LYS A 232 13.96 -1.80 -9.41
C LYS A 232 12.95 -0.72 -9.76
N TYR A 233 11.96 -0.53 -8.90
CA TYR A 233 10.95 0.51 -9.12
C TYR A 233 11.60 1.86 -9.39
N TYR A 234 12.66 2.17 -8.65
CA TYR A 234 13.35 3.45 -8.82
C TYR A 234 14.21 3.52 -10.07
N VAL A 235 14.79 2.39 -10.46
CA VAL A 235 15.59 2.36 -11.66
C VAL A 235 14.65 2.68 -12.83
N ASN A 236 13.42 2.17 -12.76
CA ASN A 236 12.43 2.44 -13.81
C ASN A 236 12.13 3.93 -13.91
N LEU A 237 11.92 4.58 -12.77
CA LEU A 237 11.63 6.01 -12.76
C LEU A 237 12.73 6.81 -13.44
N GLU A 238 13.98 6.44 -13.18
CA GLU A 238 15.11 7.13 -13.79
C GLU A 238 15.11 7.04 -15.30
N GLU A 239 14.44 6.01 -15.83
CA GLU A 239 14.34 5.81 -17.28
C GLU A 239 12.98 6.22 -17.82
N GLN A 240 12.23 6.96 -17.00
N GLN A 240 12.22 6.97 -17.02
N GLN A 240 12.23 6.96 -17.00
CA GLN A 240 10.90 7.43 -17.37
CA GLN A 240 10.89 7.43 -17.42
CA GLN A 240 10.90 7.42 -17.39
C GLN A 240 9.95 6.27 -17.61
C GLN A 240 9.94 6.26 -17.63
C GLN A 240 9.94 6.26 -17.62
N LYS A 241 10.14 5.19 -16.84
CA LYS A 241 9.29 4.01 -16.95
C LYS A 241 8.39 3.74 -15.75
N GLY A 242 8.08 4.80 -14.98
CA GLY A 242 7.17 4.63 -13.87
C GLY A 242 5.83 4.37 -14.54
N LEU A 243 5.02 3.44 -14.02
CA LEU A 243 3.75 3.10 -14.66
C LEU A 243 2.66 4.17 -14.57
N ILE A 244 2.34 4.62 -13.37
CA ILE A 244 1.30 5.63 -13.23
C ILE A 244 1.88 7.02 -13.03
N GLN A 245 1.06 8.03 -13.27
CA GLN A 245 1.47 9.42 -13.14
C GLN A 245 2.16 9.72 -11.81
N SER A 246 1.53 9.32 -10.70
CA SER A 246 2.10 9.56 -9.38
C SER A 246 3.47 8.90 -9.16
N ASP A 247 3.77 7.85 -9.92
CA ASP A 247 5.07 7.20 -9.78
C ASP A 247 6.13 8.08 -10.45
N GLN A 248 5.90 8.39 -11.71
CA GLN A 248 6.86 9.17 -12.49
C GLN A 248 7.07 10.60 -11.99
N GLU A 249 6.07 11.18 -11.36
N GLU A 249 6.06 11.16 -11.34
CA GLU A 249 6.23 12.54 -10.87
CA GLU A 249 6.11 12.51 -10.80
C GLU A 249 7.31 12.67 -9.81
C GLU A 249 7.23 12.67 -9.77
N LEU A 250 7.57 11.58 -9.09
CA LEU A 250 8.62 11.61 -8.07
C LEU A 250 9.96 11.99 -8.68
N PHE A 251 10.13 11.70 -9.96
CA PHE A 251 11.38 11.99 -10.65
C PHE A 251 11.28 13.11 -11.68
N SER A 252 10.12 13.27 -12.30
CA SER A 252 9.97 14.26 -13.36
C SER A 252 9.19 15.55 -13.08
N SER A 253 8.50 15.63 -11.95
CA SER A 253 7.72 16.83 -11.63
C SER A 253 8.57 18.07 -11.44
N PRO A 254 8.04 19.24 -11.84
CA PRO A 254 8.77 20.49 -11.69
C PRO A 254 9.04 20.76 -10.20
N ASN A 255 8.26 20.10 -9.36
CA ASN A 255 8.37 20.25 -7.90
C ASN A 255 9.18 19.12 -7.27
N ALA A 256 9.90 18.35 -8.09
CA ALA A 256 10.68 17.22 -7.60
C ALA A 256 12.12 17.49 -7.16
N THR A 257 12.46 18.75 -6.89
CA THR A 257 13.84 19.05 -6.47
C THR A 257 14.24 18.23 -5.24
N ASP A 258 13.29 18.01 -4.34
CA ASP A 258 13.58 17.26 -3.13
C ASP A 258 13.44 15.75 -3.27
N THR A 259 12.61 15.30 -4.21
CA THR A 259 12.39 13.86 -4.39
C THR A 259 13.36 13.17 -5.35
N ILE A 260 13.87 13.91 -6.33
CA ILE A 260 14.80 13.34 -7.30
C ILE A 260 16.03 12.68 -6.65
N PRO A 261 16.69 13.39 -5.71
CA PRO A 261 17.86 12.79 -5.06
C PRO A 261 17.52 11.52 -4.28
N LEU A 262 16.30 11.46 -3.74
CA LEU A 262 15.86 10.29 -2.99
C LEU A 262 15.65 9.13 -3.96
N VAL A 263 15.02 9.41 -5.09
CA VAL A 263 14.79 8.38 -6.11
C VAL A 263 16.14 7.79 -6.54
N ARG A 264 17.10 8.67 -6.83
N ARG A 264 17.10 8.67 -6.83
CA ARG A 264 18.42 8.24 -7.26
CA ARG A 264 18.42 8.21 -7.27
C ARG A 264 19.14 7.42 -6.19
C ARG A 264 19.12 7.39 -6.19
N SER A 265 19.06 7.86 -4.95
CA SER A 265 19.71 7.15 -3.85
C SER A 265 19.14 5.75 -3.66
N PHE A 266 17.83 5.60 -3.83
CA PHE A 266 17.18 4.31 -3.67
C PHE A 266 17.43 3.40 -4.86
N ALA A 267 17.65 3.99 -6.02
CA ALA A 267 17.92 3.21 -7.22
C ALA A 267 19.37 2.74 -7.19
N ASN A 268 20.23 3.53 -6.55
CA ASN A 268 21.64 3.18 -6.47
C ASN A 268 22.00 2.15 -5.41
N SER A 269 21.21 2.09 -4.34
CA SER A 269 21.50 1.15 -3.27
C SER A 269 20.28 0.47 -2.67
N THR A 270 20.26 -0.85 -2.72
CA THR A 270 19.16 -1.61 -2.17
C THR A 270 19.09 -1.37 -0.67
N GLN A 271 20.25 -1.33 -0.01
CA GLN A 271 20.32 -1.11 1.43
C GLN A 271 19.72 0.24 1.81
N THR A 272 20.04 1.27 1.05
CA THR A 272 19.51 2.61 1.33
C THR A 272 17.98 2.57 1.21
N PHE A 273 17.49 1.92 0.17
CA PHE A 273 16.04 1.83 -0.02
C PHE A 273 15.37 1.03 1.09
N PHE A 274 15.87 -0.18 1.33
CA PHE A 274 15.28 -1.02 2.36
C PHE A 274 15.27 -0.32 3.73
N ASN A 275 16.35 0.37 4.06
CA ASN A 275 16.40 1.07 5.34
C ASN A 275 15.32 2.16 5.39
N ALA A 276 15.20 2.90 4.30
CA ALA A 276 14.22 3.98 4.22
C ALA A 276 12.79 3.44 4.22
N PHE A 277 12.58 2.29 3.60
CA PHE A 277 11.26 1.69 3.54
C PHE A 277 10.80 1.25 4.92
N VAL A 278 11.69 0.61 5.67
CA VAL A 278 11.34 0.16 7.01
C VAL A 278 11.03 1.37 7.88
N GLU A 279 11.87 2.40 7.78
CA GLU A 279 11.68 3.61 8.56
C GLU A 279 10.33 4.26 8.23
N ALA A 280 10.04 4.40 6.94
CA ALA A 280 8.77 5.00 6.50
C ALA A 280 7.58 4.13 6.86
N MET A 281 7.73 2.81 6.74
CA MET A 281 6.65 1.90 7.06
C MET A 281 6.27 2.01 8.53
N ASP A 282 7.26 2.09 9.41
CA ASP A 282 6.96 2.21 10.84
C ASP A 282 6.34 3.55 11.16
N ARG A 283 6.73 4.59 10.43
CA ARG A 283 6.15 5.91 10.65
C ARG A 283 4.68 5.88 10.22
N MET A 284 4.39 5.25 9.08
CA MET A 284 3.01 5.15 8.62
C MET A 284 2.20 4.29 9.60
N GLY A 285 2.83 3.24 10.11
CA GLY A 285 2.14 2.36 11.05
C GLY A 285 1.89 3.01 12.38
N ASN A 286 2.46 4.20 12.59
CA ASN A 286 2.31 4.92 13.85
C ASN A 286 1.29 6.06 13.74
N ILE A 287 0.56 6.10 12.63
CA ILE A 287 -0.44 7.14 12.42
C ILE A 287 -1.69 6.91 13.29
N THR A 288 -1.98 7.90 14.13
CA THR A 288 -3.11 7.92 15.05
C THR A 288 -3.71 6.58 15.47
N PRO A 289 -2.91 5.75 16.14
CA PRO A 289 -3.41 4.44 16.59
C PRO A 289 -4.27 4.53 17.85
N LEU A 290 -5.18 3.58 18.02
CA LEU A 290 -5.98 3.53 19.23
C LEU A 290 -5.13 2.58 20.06
N THR A 291 -4.92 2.91 21.34
CA THR A 291 -4.10 2.07 22.20
C THR A 291 -4.69 1.92 23.60
N GLY A 292 -4.04 1.11 24.41
CA GLY A 292 -4.50 0.90 25.77
C GLY A 292 -5.87 0.26 25.86
N THR A 293 -6.86 1.03 26.29
CA THR A 293 -8.22 0.52 26.41
C THR A 293 -9.15 1.13 25.36
N GLN A 294 -8.57 1.95 24.49
CA GLN A 294 -9.33 2.60 23.42
C GLN A 294 -9.66 1.56 22.34
N GLY A 295 -10.87 1.62 21.79
CA GLY A 295 -11.25 0.66 20.78
C GLY A 295 -11.33 -0.75 21.34
N GLN A 296 -11.32 -1.75 20.47
CA GLN A 296 -11.41 -3.13 20.95
C GLN A 296 -10.46 -4.08 20.24
N ILE A 297 -10.53 -5.34 20.64
CA ILE A 297 -9.78 -6.40 20.00
C ILE A 297 -10.93 -7.09 19.28
N ARG A 298 -11.12 -6.70 18.03
CA ARG A 298 -12.21 -7.24 17.22
C ARG A 298 -12.01 -8.74 17.00
N LEU A 299 -13.07 -9.53 17.17
CA LEU A 299 -13.00 -10.98 17.00
C LEU A 299 -13.19 -11.37 15.54
N ASN A 300 -14.08 -10.64 14.87
CA ASN A 300 -14.38 -10.83 13.45
C ASN A 300 -14.00 -9.48 12.87
N CYS A 301 -12.94 -9.43 12.07
CA CYS A 301 -12.48 -8.16 11.52
C CYS A 301 -13.51 -7.40 10.69
N ARG A 302 -14.58 -8.08 10.28
CA ARG A 302 -15.61 -7.44 9.47
C ARG A 302 -16.69 -6.70 10.26
N VAL A 303 -16.81 -7.02 11.54
CA VAL A 303 -17.83 -6.39 12.37
C VAL A 303 -17.33 -5.97 13.75
N VAL A 304 -17.93 -4.92 14.29
CA VAL A 304 -17.56 -4.44 15.61
C VAL A 304 -18.14 -5.42 16.63
N ASN A 305 -17.43 -5.64 17.73
CA ASN A 305 -17.92 -6.57 18.76
C ASN A 305 -19.19 -5.99 19.36
N SER A 306 -20.13 -6.88 19.70
CA SER A 306 -21.39 -6.46 20.30
C SER A 306 -21.59 -7.10 21.66
#